data_2BXO
#
_entry.id   2BXO
#
_cell.length_a   188.230
_cell.length_b   38.840
_cell.length_c   95.670
_cell.angle_alpha   90.00
_cell.angle_beta   105.10
_cell.angle_gamma   90.00
#
_symmetry.space_group_name_H-M   'C 1 2 1'
#
loop_
_entity.id
_entity.type
_entity.pdbx_description
1 polymer 'SERUM ALBUMIN'
2 non-polymer 'MYRISTIC ACID'
3 non-polymer 4-BUTYL-1-(4-HYDROXYPHENYL)-2-PHENYLPYRAZOLIDINE-3,5-DIONE
4 water water
#
_entity_poly.entity_id   1
_entity_poly.type   'polypeptide(L)'
_entity_poly.pdbx_seq_one_letter_code
;DAHKSEVAHRFKDLGEENFKALVLIAFAQYLQQCPFEDHVKLVNEVTEFAKTCVADESAENCDKSLHTLFGDKLCTVATL
RETYGEMADCCAKQEPERNECFLQHKDDNPNLPRLVRPEVDVMCTAFHDNEETFLKKYLYEIARRHPYFYAPELLFFAKR
YKAAFTECCQAADKAACLLPKLDELRDEGKASSAKQRLKCASLQKFGERAFKAWAVARLSQRFPKAEFAEVSKLVTDLTK
VHTECCHGDLLECADDRADLAKYICENQDSISSKLKECCEKPLLEKSHCIAEVENDEMPADLPSLAADFVESKDVCKNYA
EAKDVFLGMFLYEYARRHPDYSVVLLLRLAKTYETTLEKCCAAADPHECYAKVFDEFKPLVEEPQNLIKQNCELFEQLGE
YKFQNALLVRYTKKVPQVSTPTLVEVSRNLGKVGSKCCKHPEAKRMPCAEDYLSVVLNQLCVLHEKTPVSDRVTKCCTES
LVNRRPCFSALEVDETYVPKEFNAETFTFHADICTLSEKERQIKKQTALVELVKHKPKATKEQLKAVMDDFAAFVEKCCK
ADDKETCFAEEGKKLVAASQAALGL
;
_entity_poly.pdbx_strand_id   A
#
loop_
_chem_comp.id
_chem_comp.type
_chem_comp.name
_chem_comp.formula
MYR non-polymer 'MYRISTIC ACID' 'C14 H28 O2'
OPB non-polymer 4-BUTYL-1-(4-HYDROXYPHENYL)-2-PHENYLPYRAZOLIDINE-3,5-DIONE 'C19 H20 N2 O3'
#
# COMPACT_ATOMS: atom_id res chain seq x y z
N HIS A 3 27.59 1.88 -22.82
CA HIS A 3 28.30 2.50 -23.98
C HIS A 3 29.28 3.57 -23.48
N LYS A 4 29.83 4.35 -24.41
CA LYS A 4 30.75 5.42 -24.08
C LYS A 4 29.98 6.61 -23.52
N SER A 5 28.67 6.66 -23.78
CA SER A 5 27.85 7.78 -23.28
C SER A 5 26.60 7.30 -22.58
N GLU A 6 26.50 7.64 -21.31
CA GLU A 6 25.35 7.27 -20.50
C GLU A 6 24.04 7.94 -20.86
N VAL A 7 24.06 9.26 -21.02
CA VAL A 7 22.84 9.99 -21.36
C VAL A 7 22.30 9.52 -22.71
N ALA A 8 23.22 9.38 -23.67
CA ALA A 8 22.84 8.94 -25.00
C ALA A 8 22.17 7.58 -24.94
N HIS A 9 22.76 6.68 -24.17
CA HIS A 9 22.23 5.33 -24.03
C HIS A 9 20.82 5.31 -23.45
N ARG A 10 20.64 5.98 -22.32
CA ARG A 10 19.34 6.03 -21.66
C ARG A 10 18.32 6.70 -22.57
N PHE A 11 18.73 7.76 -23.25
CA PHE A 11 17.84 8.48 -24.14
C PHE A 11 17.37 7.56 -25.27
N LYS A 12 18.33 6.87 -25.90
CA LYS A 12 17.98 5.97 -26.98
C LYS A 12 17.00 4.87 -26.59
N ASP A 13 17.29 4.13 -25.52
CA ASP A 13 16.36 3.06 -25.20
C ASP A 13 15.29 3.38 -24.19
N LEU A 14 14.87 4.64 -24.19
CA LEU A 14 13.84 5.13 -23.28
C LEU A 14 12.84 5.93 -24.10
N GLY A 15 13.36 6.71 -25.05
CA GLY A 15 12.54 7.54 -25.90
C GLY A 15 12.51 8.97 -25.41
N GLU A 16 12.30 9.91 -26.33
CA GLU A 16 12.26 11.32 -25.95
C GLU A 16 11.16 11.61 -24.93
N GLU A 17 9.94 11.13 -25.22
CA GLU A 17 8.84 11.37 -24.31
C GLU A 17 9.06 10.87 -22.89
N ASN A 18 9.46 9.59 -22.75
CA ASN A 18 9.69 9.03 -21.43
C ASN A 18 10.86 9.72 -20.75
N PHE A 19 11.93 9.96 -21.50
CA PHE A 19 13.11 10.63 -20.96
C PHE A 19 12.75 11.99 -20.37
N LYS A 20 12.03 12.80 -21.13
CA LYS A 20 11.62 14.12 -20.67
C LYS A 20 10.77 14.05 -19.43
N ALA A 21 9.95 13.02 -19.33
CA ALA A 21 9.08 12.86 -18.18
C ALA A 21 9.85 12.48 -16.89
N LEU A 22 10.81 11.58 -17.02
CA LEU A 22 11.60 11.11 -15.89
C LEU A 22 12.56 12.17 -15.39
N VAL A 23 13.12 12.96 -16.28
CA VAL A 23 14.02 14.00 -15.85
C VAL A 23 13.19 14.98 -15.03
N LEU A 24 11.96 15.24 -15.49
CA LEU A 24 11.10 16.14 -14.77
C LEU A 24 10.84 15.62 -13.37
N ILE A 25 10.34 14.38 -13.26
CA ILE A 25 10.05 13.76 -11.97
C ILE A 25 11.27 13.73 -11.05
N ALA A 26 12.42 13.40 -11.63
CA ALA A 26 13.67 13.34 -10.90
C ALA A 26 14.01 14.68 -10.26
N PHE A 27 13.87 15.77 -11.02
CA PHE A 27 14.19 17.10 -10.48
C PHE A 27 13.16 17.60 -9.48
N ALA A 28 11.90 17.24 -9.69
CA ALA A 28 10.85 17.64 -8.78
C ALA A 28 10.98 16.93 -7.43
N GLN A 29 11.56 15.73 -7.41
CA GLN A 29 11.74 15.00 -6.17
C GLN A 29 12.87 15.56 -5.29
N TYR A 30 13.79 16.30 -5.87
CA TYR A 30 14.89 16.92 -5.12
C TYR A 30 14.57 18.40 -4.88
N LEU A 31 14.34 19.13 -5.97
CA LEU A 31 14.02 20.55 -5.90
C LEU A 31 12.52 20.73 -5.78
N GLN A 32 11.97 20.31 -4.65
CA GLN A 32 10.54 20.38 -4.38
C GLN A 32 9.97 21.78 -4.18
N GLN A 33 10.84 22.78 -4.00
CA GLN A 33 10.40 24.14 -3.78
C GLN A 33 10.42 25.01 -5.03
N CYS A 34 11.04 24.54 -6.09
CA CYS A 34 11.10 25.35 -7.29
C CYS A 34 9.81 25.33 -8.10
N PRO A 35 9.50 26.46 -8.76
CA PRO A 35 8.29 26.58 -9.58
C PRO A 35 8.35 25.72 -10.84
N PHE A 36 7.17 25.28 -11.29
CA PHE A 36 7.03 24.44 -12.47
C PHE A 36 7.81 24.95 -13.69
N GLU A 37 7.66 26.24 -13.98
CA GLU A 37 8.35 26.83 -15.12
C GLU A 37 9.86 26.70 -15.01
N ASP A 38 10.36 26.55 -13.79
CA ASP A 38 11.79 26.40 -13.58
C ASP A 38 12.27 24.99 -13.94
N HIS A 39 11.49 23.98 -13.57
CA HIS A 39 11.86 22.61 -13.88
C HIS A 39 11.77 22.38 -15.40
N VAL A 40 10.75 22.96 -16.03
CA VAL A 40 10.57 22.79 -17.45
C VAL A 40 11.81 23.25 -18.19
N LYS A 41 12.42 24.32 -17.70
CA LYS A 41 13.62 24.82 -18.35
C LYS A 41 14.73 23.80 -18.21
N LEU A 42 14.95 23.30 -16.99
CA LEU A 42 15.97 22.29 -16.75
C LEU A 42 15.77 21.10 -17.68
N VAL A 43 14.55 20.60 -17.74
CA VAL A 43 14.24 19.46 -18.59
C VAL A 43 14.68 19.69 -20.04
N ASN A 44 14.24 20.80 -20.64
CA ASN A 44 14.61 21.11 -22.02
C ASN A 44 16.13 21.18 -22.17
N GLU A 45 16.79 21.87 -21.26
CA GLU A 45 18.24 21.96 -21.32
C GLU A 45 18.87 20.59 -21.26
N VAL A 46 18.37 19.74 -20.38
CA VAL A 46 18.92 18.40 -20.25
C VAL A 46 18.61 17.59 -21.52
N THR A 47 17.39 17.73 -22.05
CA THR A 47 17.00 17.00 -23.26
C THR A 47 17.85 17.45 -24.45
N GLU A 48 18.05 18.75 -24.57
CA GLU A 48 18.87 19.28 -25.65
C GLU A 48 20.24 18.62 -25.56
N PHE A 49 20.82 18.65 -24.37
CA PHE A 49 22.13 18.05 -24.14
C PHE A 49 22.15 16.61 -24.64
N ALA A 50 21.21 15.81 -24.13
CA ALA A 50 21.11 14.42 -24.50
C ALA A 50 21.15 14.19 -26.02
N LYS A 51 20.37 14.97 -26.77
CA LYS A 51 20.35 14.83 -28.23
C LYS A 51 21.75 15.05 -28.78
N THR A 52 22.43 16.05 -28.26
CA THR A 52 23.79 16.31 -28.69
C THR A 52 24.61 15.03 -28.59
N CYS A 53 24.52 14.38 -27.45
CA CYS A 53 25.25 13.14 -27.22
C CYS A 53 24.76 11.99 -28.10
N VAL A 54 23.48 12.02 -28.46
CA VAL A 54 22.94 10.99 -29.30
C VAL A 54 23.57 11.13 -30.70
N ALA A 55 23.70 12.38 -31.15
CA ALA A 55 24.28 12.68 -32.46
C ALA A 55 25.76 12.35 -32.54
N ASP A 56 26.51 12.77 -31.54
CA ASP A 56 27.95 12.52 -31.49
C ASP A 56 28.36 12.04 -30.10
N GLU A 57 28.48 10.73 -29.95
CA GLU A 57 28.84 10.14 -28.67
C GLU A 57 30.09 10.77 -28.04
N SER A 58 30.99 11.29 -28.86
CA SER A 58 32.22 11.89 -28.35
C SER A 58 32.10 13.36 -27.97
N ALA A 59 30.91 13.93 -28.15
CA ALA A 59 30.71 15.34 -27.81
C ALA A 59 31.00 15.60 -26.33
N GLU A 60 31.42 16.83 -26.05
CA GLU A 60 31.76 17.28 -24.72
C GLU A 60 30.77 16.86 -23.64
N ASN A 61 31.30 16.55 -22.46
CA ASN A 61 30.51 16.13 -21.29
C ASN A 61 29.64 14.90 -21.46
N CYS A 62 29.53 14.40 -22.68
CA CYS A 62 28.72 13.24 -22.96
C CYS A 62 29.24 11.99 -22.29
N ASP A 63 30.48 12.02 -21.87
CA ASP A 63 31.07 10.85 -21.24
C ASP A 63 30.92 10.86 -19.72
N LYS A 64 30.59 12.03 -19.17
CA LYS A 64 30.41 12.15 -17.73
C LYS A 64 29.30 11.19 -17.30
N SER A 65 29.34 10.75 -16.05
CA SER A 65 28.33 9.83 -15.53
C SER A 65 27.02 10.57 -15.25
N LEU A 66 25.93 9.81 -15.19
CA LEU A 66 24.61 10.40 -14.92
C LEU A 66 24.53 11.08 -13.56
N HIS A 67 25.09 10.45 -12.52
CA HIS A 67 25.09 11.04 -11.18
C HIS A 67 25.80 12.39 -11.25
N THR A 68 26.95 12.39 -11.91
CA THR A 68 27.76 13.58 -12.06
C THR A 68 27.03 14.70 -12.78
N LEU A 69 26.49 14.39 -13.96
CA LEU A 69 25.77 15.38 -14.75
C LEU A 69 24.57 15.91 -13.98
N PHE A 70 23.80 14.99 -13.40
CA PHE A 70 22.62 15.34 -12.62
C PHE A 70 22.98 16.24 -11.45
N GLY A 71 24.08 15.93 -10.79
CA GLY A 71 24.52 16.74 -9.67
C GLY A 71 24.97 18.10 -10.15
N ASP A 72 25.66 18.16 -11.29
CA ASP A 72 26.12 19.45 -11.80
C ASP A 72 24.98 20.41 -12.12
N LYS A 73 23.97 19.93 -12.84
CA LYS A 73 22.85 20.78 -13.21
C LYS A 73 22.11 21.23 -11.96
N LEU A 74 22.10 20.34 -10.98
CA LEU A 74 21.41 20.59 -9.72
C LEU A 74 22.10 21.76 -9.01
N CYS A 75 23.43 21.74 -9.02
CA CYS A 75 24.23 22.77 -8.39
C CYS A 75 24.25 24.05 -9.18
N THR A 76 23.47 24.05 -10.26
CA THR A 76 23.38 25.18 -11.16
C THR A 76 22.32 26.17 -10.67
N VAL A 77 21.29 25.65 -9.99
CA VAL A 77 20.23 26.49 -9.47
C VAL A 77 20.85 27.55 -8.56
N ALA A 78 20.65 28.81 -8.93
CA ALA A 78 21.21 29.94 -8.20
C ALA A 78 20.60 30.21 -6.82
N THR A 79 19.31 29.94 -6.66
CA THR A 79 18.70 30.18 -5.35
C THR A 79 18.82 28.93 -4.51
N LEU A 80 19.71 28.04 -4.92
CA LEU A 80 19.93 26.78 -4.22
C LEU A 80 20.07 27.06 -2.72
N ARG A 81 21.15 27.76 -2.35
CA ARG A 81 21.40 28.09 -0.96
C ARG A 81 20.27 28.90 -0.34
N GLU A 82 19.83 29.95 -1.01
CA GLU A 82 18.75 30.78 -0.48
C GLU A 82 17.49 29.98 -0.16
N THR A 83 17.10 29.07 -1.05
CA THR A 83 15.89 28.29 -0.88
C THR A 83 16.03 26.92 -0.22
N TYR A 84 17.21 26.32 -0.29
CA TYR A 84 17.40 24.99 0.29
C TYR A 84 18.53 24.96 1.30
N GLY A 85 19.02 26.14 1.69
CA GLY A 85 20.09 26.22 2.66
C GLY A 85 21.14 25.13 2.57
N GLU A 86 21.15 24.26 3.57
CA GLU A 86 22.11 23.15 3.68
C GLU A 86 22.39 22.37 2.41
N MET A 87 21.36 22.12 1.62
CA MET A 87 21.55 21.35 0.40
C MET A 87 22.64 21.94 -0.48
N ALA A 88 22.70 23.26 -0.54
CA ALA A 88 23.71 23.96 -1.33
C ALA A 88 25.13 23.55 -0.92
N ASP A 89 25.34 23.24 0.35
CA ASP A 89 26.68 22.83 0.81
C ASP A 89 27.08 21.51 0.15
N CYS A 90 26.09 20.79 -0.36
CA CYS A 90 26.36 19.54 -1.05
C CYS A 90 27.23 19.80 -2.27
N CYS A 91 26.99 20.94 -2.92
CA CYS A 91 27.73 21.33 -4.12
C CYS A 91 29.22 21.47 -3.92
N ALA A 92 29.65 21.63 -2.68
CA ALA A 92 31.07 21.73 -2.39
C ALA A 92 31.72 20.35 -2.39
N LYS A 93 30.96 19.33 -2.01
CA LYS A 93 31.48 17.95 -1.97
C LYS A 93 31.78 17.47 -3.39
N GLN A 94 32.48 16.34 -3.47
CA GLN A 94 32.82 15.73 -4.75
C GLN A 94 32.08 14.40 -4.82
N GLU A 95 31.81 13.96 -6.04
CA GLU A 95 31.11 12.71 -6.23
C GLU A 95 31.96 11.59 -5.64
N PRO A 96 31.35 10.62 -4.96
CA PRO A 96 29.91 10.43 -4.70
C PRO A 96 29.41 11.03 -3.40
N GLU A 97 30.28 11.73 -2.67
CA GLU A 97 29.83 12.33 -1.42
C GLU A 97 28.70 13.30 -1.77
N ARG A 98 28.81 13.93 -2.93
CA ARG A 98 27.81 14.88 -3.36
C ARG A 98 26.44 14.23 -3.50
N ASN A 99 26.38 13.11 -4.21
CA ASN A 99 25.12 12.40 -4.40
C ASN A 99 24.55 11.99 -3.05
N GLU A 100 25.38 11.38 -2.21
CA GLU A 100 24.93 10.98 -0.88
C GLU A 100 24.34 12.16 -0.13
N CYS A 101 25.05 13.28 -0.21
CA CYS A 101 24.63 14.50 0.43
C CYS A 101 23.22 14.86 -0.02
N PHE A 102 22.97 14.80 -1.31
CA PHE A 102 21.63 15.12 -1.80
C PHE A 102 20.60 14.18 -1.23
N LEU A 103 20.86 12.89 -1.26
CA LEU A 103 19.92 11.92 -0.71
C LEU A 103 19.48 12.31 0.70
N GLN A 104 20.45 12.60 1.56
CA GLN A 104 20.19 12.95 2.94
C GLN A 104 19.34 14.19 3.15
N HIS A 105 19.38 15.11 2.21
CA HIS A 105 18.63 16.35 2.36
C HIS A 105 17.31 16.39 1.64
N LYS A 106 16.88 15.24 1.17
CA LYS A 106 15.60 15.12 0.48
C LYS A 106 14.51 15.03 1.53
N ASP A 107 13.55 15.95 1.49
CA ASP A 107 12.45 15.97 2.45
C ASP A 107 11.38 14.97 2.04
N ASP A 108 11.16 13.94 2.86
CA ASP A 108 10.17 12.91 2.56
C ASP A 108 8.72 13.40 2.59
N ASN A 109 8.49 14.50 3.30
CA ASN A 109 7.16 15.07 3.40
C ASN A 109 7.22 16.55 3.76
N PRO A 110 7.28 17.42 2.74
CA PRO A 110 7.34 18.87 2.93
C PRO A 110 6.00 19.46 3.34
N ASN A 111 6.00 20.77 3.60
CA ASN A 111 4.79 21.45 4.00
C ASN A 111 4.20 22.17 2.79
N LEU A 112 3.58 21.41 1.90
CA LEU A 112 2.95 21.95 0.70
C LEU A 112 1.45 21.88 0.91
N PRO A 113 0.69 22.82 0.34
CA PRO A 113 -0.76 22.78 0.52
C PRO A 113 -1.34 21.51 -0.05
N ARG A 114 -2.46 21.05 0.52
CA ARG A 114 -3.11 19.86 -0.02
C ARG A 114 -3.50 20.21 -1.47
N LEU A 115 -3.32 19.26 -2.37
CA LEU A 115 -3.67 19.48 -3.78
C LEU A 115 -5.18 19.30 -3.93
N VAL A 116 -5.89 20.33 -4.38
CA VAL A 116 -7.34 20.19 -4.54
C VAL A 116 -7.73 19.79 -5.95
N ARG A 117 -8.85 19.08 -6.06
CA ARG A 117 -9.36 18.61 -7.33
C ARG A 117 -10.32 19.67 -7.86
N PRO A 118 -9.98 20.28 -9.00
CA PRO A 118 -10.85 21.31 -9.58
C PRO A 118 -12.07 20.65 -10.20
N GLU A 119 -13.00 21.46 -10.68
CA GLU A 119 -14.22 20.94 -11.30
C GLU A 119 -13.94 20.26 -12.64
N VAL A 120 -14.67 19.18 -12.91
CA VAL A 120 -14.52 18.41 -14.15
C VAL A 120 -14.40 19.26 -15.41
N ASP A 121 -15.25 20.28 -15.51
CA ASP A 121 -15.23 21.15 -16.67
C ASP A 121 -13.94 21.94 -16.80
N VAL A 122 -13.41 22.42 -15.70
CA VAL A 122 -12.17 23.17 -15.78
C VAL A 122 -11.03 22.22 -16.15
N MET A 123 -11.03 21.01 -15.60
CA MET A 123 -9.97 20.04 -15.92
C MET A 123 -10.00 19.63 -17.38
N CYS A 124 -11.18 19.23 -17.85
CA CYS A 124 -11.33 18.83 -19.23
C CYS A 124 -10.99 19.95 -20.20
N THR A 125 -11.35 21.18 -19.87
CA THR A 125 -11.05 22.30 -20.76
C THR A 125 -9.56 22.59 -20.77
N ALA A 126 -8.94 22.52 -19.59
CA ALA A 126 -7.51 22.77 -19.45
C ALA A 126 -6.76 21.66 -20.18
N PHE A 127 -7.32 20.46 -20.08
CA PHE A 127 -6.78 19.28 -20.71
C PHE A 127 -6.82 19.44 -22.22
N HIS A 128 -8.00 19.71 -22.76
CA HIS A 128 -8.17 19.90 -24.18
C HIS A 128 -7.25 21.01 -24.73
N ASP A 129 -7.25 22.16 -24.07
CA ASP A 129 -6.46 23.30 -24.52
C ASP A 129 -4.95 23.25 -24.44
N ASN A 130 -4.39 22.20 -23.86
CA ASN A 130 -2.94 22.11 -23.75
C ASN A 130 -2.56 20.89 -22.96
N GLU A 131 -2.88 19.73 -23.52
CA GLU A 131 -2.63 18.43 -22.91
C GLU A 131 -1.28 18.26 -22.22
N GLU A 132 -0.20 18.66 -22.88
CA GLU A 132 1.12 18.48 -22.29
C GLU A 132 1.38 19.25 -20.99
N THR A 133 1.22 20.56 -20.99
CA THR A 133 1.49 21.30 -19.76
C THR A 133 0.51 20.91 -18.66
N PHE A 134 -0.70 20.54 -19.06
CA PHE A 134 -1.71 20.14 -18.09
C PHE A 134 -1.23 18.89 -17.33
N LEU A 135 -0.70 17.93 -18.07
CA LEU A 135 -0.22 16.70 -17.48
C LEU A 135 1.16 16.79 -16.81
N LYS A 136 2.08 17.57 -17.39
CA LYS A 136 3.40 17.69 -16.80
C LYS A 136 3.29 18.49 -15.52
N LYS A 137 2.39 19.47 -15.52
CA LYS A 137 2.19 20.31 -14.35
C LYS A 137 1.73 19.49 -13.16
N TYR A 138 0.84 18.54 -13.40
CA TYR A 138 0.37 17.71 -12.31
C TYR A 138 1.39 16.68 -11.92
N LEU A 139 2.11 16.18 -12.91
CA LEU A 139 3.14 15.20 -12.68
C LEU A 139 4.14 15.84 -11.71
N TYR A 140 4.37 17.13 -11.90
CA TYR A 140 5.28 17.93 -11.08
C TYR A 140 4.76 18.05 -9.64
N GLU A 141 3.49 18.40 -9.51
CA GLU A 141 2.83 18.55 -8.21
C GLU A 141 2.85 17.25 -7.40
N ILE A 142 2.66 16.13 -8.09
CA ILE A 142 2.65 14.83 -7.45
C ILE A 142 4.07 14.42 -7.03
N ALA A 143 5.01 14.53 -7.95
CA ALA A 143 6.39 14.14 -7.69
C ALA A 143 7.04 14.90 -6.55
N ARG A 144 6.79 16.20 -6.44
CA ARG A 144 7.38 17.01 -5.37
C ARG A 144 6.82 16.62 -3.99
N ARG A 145 5.61 16.07 -3.98
CA ARG A 145 4.97 15.67 -2.74
C ARG A 145 5.35 14.23 -2.32
N HIS A 146 5.88 13.47 -3.26
CA HIS A 146 6.30 12.10 -2.98
C HIS A 146 7.63 11.82 -3.62
N PRO A 147 8.72 12.37 -3.03
CA PRO A 147 10.08 12.24 -3.51
C PRO A 147 10.68 10.85 -3.42
N TYR A 148 10.02 9.93 -2.71
CA TYR A 148 10.55 8.58 -2.60
C TYR A 148 9.78 7.59 -3.47
N PHE A 149 8.73 8.09 -4.11
CA PHE A 149 7.89 7.28 -4.99
C PHE A 149 8.71 6.99 -6.24
N TYR A 150 8.95 5.71 -6.52
CA TYR A 150 9.73 5.29 -7.68
C TYR A 150 9.23 5.96 -8.97
N ALA A 151 10.08 6.78 -9.58
CA ALA A 151 9.69 7.53 -10.78
C ALA A 151 8.95 6.76 -11.88
N PRO A 152 9.56 5.68 -12.42
CA PRO A 152 8.89 4.92 -13.48
C PRO A 152 7.48 4.51 -13.09
N GLU A 153 7.32 4.20 -11.82
CA GLU A 153 6.02 3.79 -11.28
C GLU A 153 5.07 4.96 -11.35
N LEU A 154 5.62 6.14 -11.12
CA LEU A 154 4.83 7.36 -11.14
C LEU A 154 4.40 7.68 -12.56
N LEU A 155 5.27 7.35 -13.51
CA LEU A 155 4.96 7.60 -14.91
C LEU A 155 3.81 6.69 -15.37
N PHE A 156 3.81 5.44 -14.91
CA PHE A 156 2.77 4.50 -15.28
C PHE A 156 1.40 5.08 -14.87
N PHE A 157 1.32 5.68 -13.69
CA PHE A 157 0.07 6.28 -13.22
C PHE A 157 -0.37 7.45 -14.10
N ALA A 158 0.60 8.27 -14.50
CA ALA A 158 0.32 9.43 -15.32
C ALA A 158 -0.40 9.05 -16.60
N LYS A 159 0.02 7.96 -17.22
CA LYS A 159 -0.60 7.52 -18.46
C LYS A 159 -2.02 7.00 -18.23
N ARG A 160 -2.28 6.48 -17.04
CA ARG A 160 -3.61 6.00 -16.70
C ARG A 160 -4.52 7.22 -16.52
N TYR A 161 -3.94 8.31 -16.02
CA TYR A 161 -4.68 9.55 -15.84
C TYR A 161 -4.99 10.17 -17.20
N LYS A 162 -3.99 10.11 -18.10
CA LYS A 162 -4.13 10.65 -19.43
C LYS A 162 -5.29 9.94 -20.11
N ALA A 163 -5.38 8.63 -19.90
CA ALA A 163 -6.44 7.85 -20.51
C ALA A 163 -7.84 8.21 -20.00
N ALA A 164 -7.93 8.43 -18.69
CA ALA A 164 -9.20 8.76 -18.07
C ALA A 164 -9.74 10.08 -18.62
N PHE A 165 -8.85 11.01 -18.94
CA PHE A 165 -9.28 12.28 -19.46
C PHE A 165 -9.67 12.14 -20.90
N THR A 166 -8.84 11.45 -21.67
CA THR A 166 -9.12 11.22 -23.08
C THR A 166 -10.51 10.61 -23.26
N GLU A 167 -10.79 9.60 -22.46
CA GLU A 167 -12.06 8.89 -22.52
C GLU A 167 -13.24 9.71 -22.00
N CYS A 168 -13.07 10.26 -20.80
CA CYS A 168 -14.15 11.00 -20.16
C CYS A 168 -14.44 12.41 -20.64
N CYS A 169 -13.44 13.14 -21.10
CA CYS A 169 -13.73 14.49 -21.54
C CYS A 169 -14.56 14.49 -22.83
N GLN A 170 -14.70 13.32 -23.46
CA GLN A 170 -15.49 13.15 -24.68
C GLN A 170 -16.90 12.68 -24.32
N ALA A 171 -17.08 12.29 -23.06
CA ALA A 171 -18.36 11.80 -22.60
C ALA A 171 -19.46 12.86 -22.59
N ALA A 172 -20.71 12.39 -22.63
CA ALA A 172 -21.85 13.28 -22.60
C ALA A 172 -21.92 13.78 -21.16
N ASP A 173 -21.75 12.84 -20.23
CA ASP A 173 -21.75 13.14 -18.81
C ASP A 173 -20.34 12.90 -18.26
N LYS A 174 -19.48 13.91 -18.44
CA LYS A 174 -18.08 13.85 -18.01
C LYS A 174 -17.83 13.40 -16.58
N ALA A 175 -18.51 13.99 -15.62
CA ALA A 175 -18.32 13.64 -14.21
C ALA A 175 -18.65 12.17 -13.90
N ALA A 176 -19.75 11.67 -14.44
CA ALA A 176 -20.15 10.28 -14.20
C ALA A 176 -19.06 9.34 -14.67
N CYS A 177 -18.32 9.79 -15.67
CA CYS A 177 -17.23 9.02 -16.25
C CYS A 177 -15.91 9.23 -15.49
N LEU A 178 -15.50 10.50 -15.39
CA LEU A 178 -14.24 10.88 -14.75
C LEU A 178 -14.09 10.66 -13.24
N LEU A 179 -14.93 11.30 -12.45
CA LEU A 179 -14.85 11.18 -11.00
C LEU A 179 -14.58 9.79 -10.48
N PRO A 180 -15.42 8.81 -10.86
CA PRO A 180 -15.16 7.46 -10.35
C PRO A 180 -13.77 6.95 -10.73
N LYS A 181 -13.25 7.36 -11.87
CA LYS A 181 -11.92 6.90 -12.32
C LYS A 181 -10.82 7.61 -11.56
N LEU A 182 -11.03 8.87 -11.22
CA LEU A 182 -10.04 9.65 -10.49
C LEU A 182 -9.99 9.16 -9.05
N ASP A 183 -11.16 8.96 -8.45
CA ASP A 183 -11.19 8.49 -7.08
C ASP A 183 -10.47 7.15 -6.98
N GLU A 184 -10.70 6.27 -7.95
CA GLU A 184 -10.05 4.96 -7.95
C GLU A 184 -8.54 5.11 -8.12
N LEU A 185 -8.14 5.98 -9.03
CA LEU A 185 -6.74 6.24 -9.31
C LEU A 185 -6.02 6.73 -8.06
N ARG A 186 -6.68 7.60 -7.31
CA ARG A 186 -6.10 8.15 -6.09
C ARG A 186 -5.82 7.06 -5.07
N ASP A 187 -6.84 6.27 -4.76
CA ASP A 187 -6.67 5.20 -3.78
C ASP A 187 -5.61 4.21 -4.26
N GLU A 188 -5.73 3.76 -5.50
CA GLU A 188 -4.76 2.83 -6.06
C GLU A 188 -3.34 3.42 -5.95
N GLY A 189 -3.24 4.74 -6.10
CA GLY A 189 -1.96 5.41 -5.98
C GLY A 189 -1.50 5.48 -4.55
N LYS A 190 -2.41 5.84 -3.65
CA LYS A 190 -2.09 5.93 -2.22
C LYS A 190 -1.68 4.57 -1.66
N ALA A 191 -2.32 3.50 -2.15
CA ALA A 191 -1.98 2.15 -1.70
C ALA A 191 -0.58 1.82 -2.18
N SER A 192 -0.30 2.12 -3.45
CA SER A 192 1.02 1.87 -4.02
C SER A 192 2.07 2.61 -3.21
N SER A 193 1.78 3.85 -2.88
CA SER A 193 2.71 4.65 -2.11
C SER A 193 2.95 3.99 -0.75
N ALA A 194 1.86 3.65 -0.05
CA ALA A 194 1.97 3.03 1.26
C ALA A 194 2.71 1.69 1.25
N LYS A 195 2.46 0.86 0.25
CA LYS A 195 3.12 -0.45 0.18
C LYS A 195 4.61 -0.26 0.00
N GLN A 196 4.97 0.83 -0.66
CA GLN A 196 6.35 1.17 -0.94
C GLN A 196 7.08 1.60 0.34
N ARG A 197 6.45 2.50 1.08
CA ARG A 197 7.00 3.00 2.32
C ARG A 197 6.96 1.90 3.39
N LEU A 198 5.97 1.02 3.30
CA LEU A 198 5.82 -0.08 4.25
C LEU A 198 6.97 -1.07 4.12
N LYS A 199 7.28 -1.49 2.90
CA LYS A 199 8.34 -2.45 2.66
C LYS A 199 9.73 -1.96 3.04
N CYS A 200 9.96 -0.66 2.95
CA CYS A 200 11.28 -0.14 3.32
C CYS A 200 11.42 -0.10 4.82
N ALA A 201 10.34 0.28 5.50
CA ALA A 201 10.33 0.38 6.96
C ALA A 201 10.53 -1.00 7.58
N SER A 202 9.96 -2.01 6.94
CA SER A 202 10.06 -3.39 7.41
C SER A 202 11.49 -3.87 7.30
N LEU A 203 12.10 -3.63 6.15
CA LEU A 203 13.48 -4.03 5.89
C LEU A 203 14.45 -3.40 6.90
N GLN A 204 14.05 -2.28 7.48
CA GLN A 204 14.89 -1.57 8.45
C GLN A 204 14.74 -2.13 9.87
N LYS A 205 13.50 -2.18 10.36
CA LYS A 205 13.23 -2.71 11.70
C LYS A 205 13.59 -4.20 11.86
N PHE A 206 12.83 -5.05 11.16
CA PHE A 206 12.97 -6.49 11.25
C PHE A 206 14.19 -7.10 10.63
N GLY A 207 14.82 -6.42 9.69
CA GLY A 207 16.03 -6.98 9.12
C GLY A 207 15.92 -7.80 7.86
N GLU A 208 17.08 -8.16 7.34
CA GLU A 208 17.18 -8.92 6.10
C GLU A 208 16.63 -10.35 6.14
N ARG A 209 16.75 -11.03 7.28
CA ARG A 209 16.26 -12.40 7.34
C ARG A 209 14.76 -12.44 7.08
N ALA A 210 14.01 -11.65 7.84
CA ALA A 210 12.57 -11.58 7.69
C ALA A 210 12.15 -11.17 6.28
N PHE A 211 12.83 -10.19 5.70
CA PHE A 211 12.51 -9.76 4.37
C PHE A 211 12.67 -10.94 3.41
N LYS A 212 13.84 -11.56 3.42
CA LYS A 212 14.11 -12.70 2.57
C LYS A 212 13.06 -13.81 2.76
N ALA A 213 12.65 -14.02 4.00
CA ALA A 213 11.66 -15.04 4.28
C ALA A 213 10.37 -14.66 3.57
N TRP A 214 9.93 -13.44 3.79
CA TRP A 214 8.72 -12.92 3.16
C TRP A 214 8.79 -13.13 1.65
N ALA A 215 9.96 -12.89 1.08
CA ALA A 215 10.14 -13.01 -0.35
C ALA A 215 10.13 -14.45 -0.87
N VAL A 216 10.76 -15.37 -0.14
CA VAL A 216 10.79 -16.76 -0.57
C VAL A 216 9.35 -17.25 -0.69
N ALA A 217 8.56 -16.92 0.31
CA ALA A 217 7.19 -17.35 0.30
C ALA A 217 6.47 -16.72 -0.89
N ARG A 218 6.54 -15.40 -0.99
CA ARG A 218 5.86 -14.72 -2.06
C ARG A 218 6.24 -15.21 -3.44
N LEU A 219 7.55 -15.34 -3.69
CA LEU A 219 8.01 -15.79 -4.99
C LEU A 219 7.69 -17.25 -5.31
N SER A 220 7.49 -18.07 -4.27
CA SER A 220 7.19 -19.48 -4.47
C SER A 220 5.75 -19.69 -4.89
N GLN A 221 4.87 -18.84 -4.40
CA GLN A 221 3.47 -18.92 -4.76
C GLN A 221 3.38 -18.51 -6.23
N ARG A 222 4.15 -17.51 -6.63
CA ARG A 222 4.13 -17.06 -8.01
C ARG A 222 4.77 -18.02 -9.00
N PHE A 223 5.97 -18.48 -8.69
CA PHE A 223 6.69 -19.40 -9.56
C PHE A 223 6.80 -20.76 -8.92
N PRO A 224 5.66 -21.45 -8.72
CA PRO A 224 5.68 -22.76 -8.09
C PRO A 224 6.45 -23.83 -8.87
N LYS A 225 6.79 -23.54 -10.12
CA LYS A 225 7.54 -24.50 -10.93
C LYS A 225 9.03 -24.24 -10.94
N ALA A 226 9.46 -23.06 -10.50
CA ALA A 226 10.88 -22.78 -10.50
C ALA A 226 11.58 -23.63 -9.43
N GLU A 227 12.84 -23.94 -9.66
CA GLU A 227 13.62 -24.71 -8.69
C GLU A 227 13.90 -23.82 -7.49
N PHE A 228 14.25 -24.45 -6.36
CA PHE A 228 14.54 -23.71 -5.15
C PHE A 228 15.78 -22.85 -5.31
N ALA A 229 16.74 -23.33 -6.09
CA ALA A 229 17.97 -22.58 -6.30
C ALA A 229 17.67 -21.31 -7.09
N GLU A 230 16.65 -21.37 -7.94
CA GLU A 230 16.28 -20.20 -8.72
C GLU A 230 15.61 -19.18 -7.80
N VAL A 231 14.64 -19.63 -7.02
CA VAL A 231 13.95 -18.73 -6.10
C VAL A 231 14.95 -18.08 -5.15
N SER A 232 16.02 -18.79 -4.79
CA SER A 232 17.02 -18.23 -3.89
C SER A 232 17.82 -17.15 -4.61
N LYS A 233 18.29 -17.50 -5.81
CA LYS A 233 19.04 -16.56 -6.62
C LYS A 233 18.20 -15.30 -6.68
N LEU A 234 16.92 -15.48 -6.96
CA LEU A 234 16.00 -14.36 -7.06
C LEU A 234 15.77 -13.59 -5.77
N VAL A 235 15.66 -14.28 -4.63
CA VAL A 235 15.43 -13.58 -3.38
C VAL A 235 16.65 -12.75 -3.04
N THR A 236 17.82 -13.28 -3.36
CA THR A 236 19.05 -12.55 -3.08
C THR A 236 19.06 -11.23 -3.86
N ASP A 237 18.89 -11.31 -5.17
CA ASP A 237 18.89 -10.10 -5.99
C ASP A 237 17.76 -9.14 -5.67
N LEU A 238 16.60 -9.68 -5.33
CA LEU A 238 15.46 -8.82 -4.99
C LEU A 238 15.76 -8.05 -3.72
N THR A 239 16.45 -8.69 -2.78
CA THR A 239 16.78 -8.05 -1.53
C THR A 239 17.74 -6.90 -1.77
N LYS A 240 18.68 -7.08 -2.68
CA LYS A 240 19.61 -6.01 -2.97
C LYS A 240 18.87 -4.85 -3.61
N VAL A 241 18.02 -5.19 -4.57
CA VAL A 241 17.23 -4.19 -5.29
C VAL A 241 16.48 -3.27 -4.35
N HIS A 242 15.67 -3.86 -3.47
CA HIS A 242 14.90 -3.06 -2.51
C HIS A 242 15.75 -2.25 -1.54
N THR A 243 16.83 -2.85 -1.04
CA THR A 243 17.73 -2.16 -0.13
C THR A 243 18.13 -0.83 -0.79
N GLU A 244 18.63 -0.95 -2.01
CA GLU A 244 19.05 0.21 -2.80
C GLU A 244 17.90 1.13 -3.07
N CYS A 245 16.85 0.62 -3.69
CA CYS A 245 15.70 1.45 -3.98
C CYS A 245 15.21 2.16 -2.73
N CYS A 246 15.38 1.54 -1.57
CA CYS A 246 14.92 2.16 -0.33
C CYS A 246 15.86 3.26 0.12
N HIS A 247 17.15 3.09 -0.19
CA HIS A 247 18.14 4.09 0.17
C HIS A 247 17.76 5.38 -0.57
N GLY A 248 16.94 5.24 -1.60
CA GLY A 248 16.48 6.40 -2.34
C GLY A 248 17.19 6.80 -3.62
N ASP A 249 18.31 6.15 -3.95
CA ASP A 249 19.02 6.50 -5.16
C ASP A 249 18.33 5.92 -6.40
N LEU A 250 17.61 6.78 -7.12
CA LEU A 250 16.89 6.38 -8.32
C LEU A 250 17.72 5.67 -9.40
N LEU A 251 18.84 6.26 -9.80
CA LEU A 251 19.65 5.66 -10.85
C LEU A 251 20.08 4.25 -10.52
N GLU A 252 20.63 4.05 -9.32
CA GLU A 252 21.07 2.72 -8.90
C GLU A 252 19.86 1.80 -8.94
N CYS A 253 18.79 2.25 -8.27
CA CYS A 253 17.54 1.50 -8.19
C CYS A 253 17.08 1.02 -9.56
N ALA A 254 16.79 1.95 -10.45
CA ALA A 254 16.34 1.62 -11.80
C ALA A 254 17.24 0.61 -12.49
N ASP A 255 18.55 0.82 -12.42
CA ASP A 255 19.50 -0.09 -13.04
C ASP A 255 19.44 -1.48 -12.44
N ASP A 256 19.26 -1.54 -11.13
CA ASP A 256 19.18 -2.84 -10.49
C ASP A 256 17.89 -3.52 -10.88
N ARG A 257 16.82 -2.74 -11.03
CA ARG A 257 15.56 -3.34 -11.41
C ARG A 257 15.62 -3.80 -12.86
N ALA A 258 16.34 -3.06 -13.69
CA ALA A 258 16.44 -3.44 -15.08
C ALA A 258 17.16 -4.78 -15.19
N ASP A 259 18.36 -4.86 -14.62
CA ASP A 259 19.13 -6.09 -14.66
C ASP A 259 18.30 -7.30 -14.26
N LEU A 260 17.60 -7.20 -13.14
CA LEU A 260 16.77 -8.28 -12.65
C LEU A 260 15.65 -8.65 -13.64
N ALA A 261 15.08 -7.66 -14.30
CA ALA A 261 14.01 -7.93 -15.24
C ALA A 261 14.54 -8.65 -16.46
N LYS A 262 15.79 -8.38 -16.84
CA LYS A 262 16.36 -9.04 -18.02
C LYS A 262 16.72 -10.46 -17.64
N TYR A 263 17.32 -10.62 -16.46
CA TYR A 263 17.71 -11.94 -15.97
C TYR A 263 16.50 -12.86 -15.99
N ILE A 264 15.41 -12.39 -15.39
CA ILE A 264 14.18 -13.16 -15.32
C ILE A 264 13.67 -13.56 -16.69
N CYS A 265 13.62 -12.59 -17.60
CA CYS A 265 13.13 -12.84 -18.96
C CYS A 265 13.97 -13.84 -19.74
N GLU A 266 15.27 -13.79 -19.54
CA GLU A 266 16.18 -14.73 -20.19
C GLU A 266 15.99 -16.15 -19.67
N ASN A 267 15.74 -16.30 -18.36
CA ASN A 267 15.54 -17.61 -17.76
C ASN A 267 14.05 -17.91 -17.64
N GLN A 268 13.29 -17.16 -18.42
CA GLN A 268 11.83 -17.26 -18.46
C GLN A 268 11.26 -18.68 -18.37
N ASP A 269 11.65 -19.55 -19.30
CA ASP A 269 11.15 -20.93 -19.32
C ASP A 269 11.49 -21.67 -18.04
N SER A 270 12.53 -21.21 -17.36
CA SER A 270 13.01 -21.84 -16.14
C SER A 270 12.40 -21.21 -14.88
N ILE A 271 11.43 -20.32 -15.07
CA ILE A 271 10.81 -19.62 -13.95
C ILE A 271 9.29 -19.69 -13.92
N SER A 272 8.66 -19.24 -14.99
CA SER A 272 7.20 -19.23 -15.07
C SER A 272 6.77 -19.13 -16.52
N SER A 273 5.60 -19.65 -16.82
CA SER A 273 5.09 -19.59 -18.17
C SER A 273 4.45 -18.22 -18.37
N LYS A 274 3.81 -17.73 -17.32
CA LYS A 274 3.10 -16.44 -17.35
C LYS A 274 3.93 -15.19 -17.67
N LEU A 275 5.21 -15.34 -17.94
CA LEU A 275 6.06 -14.18 -18.21
C LEU A 275 6.21 -13.75 -19.67
N LYS A 276 5.59 -14.47 -20.61
CA LYS A 276 5.72 -14.11 -22.01
C LYS A 276 5.34 -12.66 -22.30
N GLU A 277 4.09 -12.32 -22.00
CA GLU A 277 3.56 -10.96 -22.20
C GLU A 277 4.55 -9.93 -21.65
N CYS A 278 4.75 -9.97 -20.35
CA CYS A 278 5.67 -9.07 -19.67
C CYS A 278 7.01 -8.91 -20.33
N CYS A 279 7.61 -10.02 -20.75
CA CYS A 279 8.94 -9.96 -21.35
C CYS A 279 9.06 -9.41 -22.75
N GLU A 280 7.92 -9.15 -23.38
CA GLU A 280 7.90 -8.59 -24.71
C GLU A 280 7.88 -7.08 -24.57
N LYS A 281 7.11 -6.59 -23.59
CA LYS A 281 6.98 -5.15 -23.35
C LYS A 281 8.30 -4.39 -23.24
N PRO A 282 8.26 -3.08 -23.53
CA PRO A 282 9.41 -2.16 -23.49
C PRO A 282 10.03 -1.95 -22.12
N LEU A 283 11.34 -1.72 -22.14
CA LEU A 283 12.16 -1.49 -20.95
C LEU A 283 11.46 -0.86 -19.75
N LEU A 284 10.77 0.23 -20.00
CA LEU A 284 10.10 0.96 -18.94
C LEU A 284 8.92 0.25 -18.30
N GLU A 285 8.53 -0.90 -18.81
CA GLU A 285 7.39 -1.60 -18.25
C GLU A 285 7.66 -3.04 -17.86
N LYS A 286 8.68 -3.63 -18.47
CA LYS A 286 9.03 -5.01 -18.17
C LYS A 286 8.94 -5.23 -16.67
N SER A 287 9.71 -4.45 -15.91
CA SER A 287 9.72 -4.58 -14.45
C SER A 287 8.34 -4.46 -13.80
N HIS A 288 7.59 -3.41 -14.14
CA HIS A 288 6.25 -3.19 -13.57
C HIS A 288 5.35 -4.41 -13.80
N CYS A 289 5.31 -4.85 -15.05
CA CYS A 289 4.50 -6.01 -15.46
C CYS A 289 4.82 -7.23 -14.62
N ILE A 290 6.10 -7.59 -14.58
CA ILE A 290 6.60 -8.73 -13.83
C ILE A 290 6.18 -8.74 -12.36
N ALA A 291 6.40 -7.61 -11.70
CA ALA A 291 6.05 -7.51 -10.29
C ALA A 291 4.56 -7.70 -10.07
N GLU A 292 3.80 -7.58 -11.15
CA GLU A 292 2.34 -7.70 -11.11
C GLU A 292 1.82 -9.06 -11.61
N VAL A 293 2.66 -9.78 -12.35
CA VAL A 293 2.30 -11.06 -12.93
C VAL A 293 1.51 -12.06 -12.06
N GLU A 294 0.60 -12.78 -12.70
CA GLU A 294 -0.24 -13.79 -12.04
C GLU A 294 0.56 -15.05 -11.68
N ASN A 295 0.09 -15.78 -10.67
CA ASN A 295 0.76 -17.00 -10.24
C ASN A 295 0.66 -18.09 -11.32
N ASP A 296 1.80 -18.68 -11.67
CA ASP A 296 1.83 -19.74 -12.66
C ASP A 296 1.13 -20.96 -12.05
N GLU A 297 0.65 -21.87 -12.88
CA GLU A 297 -0.01 -23.08 -12.40
C GLU A 297 1.02 -23.94 -11.66
N MET A 298 0.61 -24.59 -10.57
CA MET A 298 1.56 -25.42 -9.84
C MET A 298 1.66 -26.83 -10.40
N PRO A 299 2.85 -27.45 -10.30
CA PRO A 299 3.09 -28.81 -10.77
C PRO A 299 1.99 -29.79 -10.39
N ALA A 300 1.62 -30.62 -11.35
CA ALA A 300 0.56 -31.60 -11.19
C ALA A 300 0.82 -32.69 -10.15
N ASP A 301 1.96 -33.36 -10.28
CA ASP A 301 2.31 -34.43 -9.36
C ASP A 301 3.33 -33.94 -8.34
N LEU A 302 2.82 -33.42 -7.21
CA LEU A 302 3.68 -32.92 -6.15
C LEU A 302 3.59 -33.69 -4.86
N PRO A 303 4.74 -34.22 -4.40
CA PRO A 303 4.88 -35.01 -3.16
C PRO A 303 4.22 -34.40 -1.92
N SER A 304 4.37 -35.07 -0.79
CA SER A 304 3.80 -34.58 0.45
C SER A 304 4.88 -33.98 1.34
N LEU A 305 4.60 -32.80 1.87
CA LEU A 305 5.55 -32.12 2.73
C LEU A 305 6.08 -33.03 3.83
N ALA A 306 5.19 -33.80 4.45
CA ALA A 306 5.59 -34.69 5.55
C ALA A 306 6.68 -35.67 5.16
N ALA A 307 6.90 -35.82 3.86
CA ALA A 307 7.94 -36.72 3.38
C ALA A 307 9.31 -36.27 3.89
N ASP A 308 9.78 -35.13 3.37
CA ASP A 308 11.09 -34.61 3.74
C ASP A 308 11.14 -33.84 5.05
N PHE A 309 9.98 -33.42 5.57
CA PHE A 309 9.98 -32.63 6.79
C PHE A 309 9.45 -33.23 8.08
N VAL A 310 8.75 -34.36 8.01
CA VAL A 310 8.21 -34.98 9.23
C VAL A 310 8.59 -36.44 9.38
N GLU A 311 8.54 -37.16 8.26
CA GLU A 311 8.86 -38.58 8.24
C GLU A 311 10.33 -38.86 8.00
N SER A 312 11.02 -37.98 7.29
CA SER A 312 12.44 -38.20 7.03
C SER A 312 13.20 -38.40 8.32
N LYS A 313 14.25 -39.22 8.27
CA LYS A 313 15.08 -39.51 9.43
C LYS A 313 16.23 -38.52 9.57
N ASP A 314 16.54 -37.81 8.48
CA ASP A 314 17.61 -36.83 8.48
C ASP A 314 17.15 -35.39 8.63
N VAL A 315 16.01 -35.17 9.29
CA VAL A 315 15.47 -33.83 9.47
C VAL A 315 16.43 -32.96 10.30
N CYS A 316 16.68 -33.33 11.55
CA CYS A 316 17.59 -32.58 12.40
C CYS A 316 19.00 -32.51 11.82
N LYS A 317 19.42 -33.57 11.12
CA LYS A 317 20.75 -33.57 10.51
C LYS A 317 20.84 -32.51 9.40
N ASN A 318 19.80 -32.42 8.59
CA ASN A 318 19.73 -31.47 7.48
C ASN A 318 19.47 -30.06 7.96
N TYR A 319 18.81 -29.96 9.09
CA TYR A 319 18.47 -28.68 9.67
C TYR A 319 19.64 -28.01 10.39
N ALA A 320 20.51 -28.81 10.99
CA ALA A 320 21.66 -28.25 11.70
C ALA A 320 22.73 -27.88 10.68
N GLU A 321 22.72 -28.60 9.57
CA GLU A 321 23.66 -28.39 8.47
C GLU A 321 23.62 -26.92 8.02
N ALA A 322 22.42 -26.41 7.82
CA ALA A 322 22.17 -25.03 7.37
C ALA A 322 20.72 -24.71 7.72
N LYS A 323 20.50 -24.22 8.93
CA LYS A 323 19.15 -23.93 9.41
C LYS A 323 18.23 -23.13 8.51
N ASP A 324 18.66 -21.94 8.12
CA ASP A 324 17.82 -21.10 7.28
C ASP A 324 17.59 -21.70 5.91
N VAL A 325 18.58 -22.39 5.36
CA VAL A 325 18.37 -23.01 4.06
C VAL A 325 17.21 -23.99 4.16
N PHE A 326 17.30 -24.89 5.15
CA PHE A 326 16.28 -25.88 5.39
C PHE A 326 14.92 -25.20 5.54
N LEU A 327 14.84 -24.23 6.45
CA LEU A 327 13.58 -23.50 6.66
C LEU A 327 13.12 -22.79 5.37
N GLY A 328 14.08 -22.27 4.61
CA GLY A 328 13.72 -21.61 3.37
C GLY A 328 13.10 -22.68 2.50
N MET A 329 13.76 -23.83 2.45
CA MET A 329 13.28 -24.94 1.65
C MET A 329 11.86 -25.31 2.08
N PHE A 330 11.66 -25.41 3.39
CA PHE A 330 10.35 -25.74 3.93
C PHE A 330 9.31 -24.75 3.39
N LEU A 331 9.64 -23.47 3.52
CA LEU A 331 8.78 -22.39 3.08
C LEU A 331 8.47 -22.49 1.59
N TYR A 332 9.51 -22.75 0.82
CA TYR A 332 9.34 -22.88 -0.62
C TYR A 332 8.34 -23.98 -0.96
N GLU A 333 8.56 -25.15 -0.40
CA GLU A 333 7.67 -26.28 -0.65
C GLU A 333 6.28 -25.95 -0.10
N TYR A 334 6.22 -25.30 1.06
CA TYR A 334 4.91 -24.98 1.59
C TYR A 334 4.19 -23.88 0.82
N ALA A 335 4.91 -22.81 0.50
CA ALA A 335 4.29 -21.69 -0.20
C ALA A 335 3.81 -22.02 -1.61
N ARG A 336 4.57 -22.83 -2.34
CA ARG A 336 4.15 -23.14 -3.69
C ARG A 336 3.00 -24.12 -3.83
N ARG A 337 2.48 -24.61 -2.71
CA ARG A 337 1.37 -25.53 -2.74
C ARG A 337 0.20 -24.78 -2.18
N HIS A 338 0.45 -23.53 -1.82
CA HIS A 338 -0.61 -22.71 -1.25
C HIS A 338 -0.63 -21.25 -1.68
N PRO A 339 -1.11 -20.99 -2.91
CA PRO A 339 -1.19 -19.62 -3.42
C PRO A 339 -2.33 -18.96 -2.67
N ASP A 340 -3.23 -19.80 -2.16
CA ASP A 340 -4.40 -19.34 -1.43
C ASP A 340 -4.09 -18.86 -0.01
N TYR A 341 -2.85 -19.02 0.43
CA TYR A 341 -2.48 -18.55 1.76
C TYR A 341 -1.90 -17.14 1.70
N SER A 342 -1.99 -16.43 2.81
CA SER A 342 -1.42 -15.10 2.87
C SER A 342 0.04 -15.38 3.20
N VAL A 343 0.94 -14.54 2.71
CA VAL A 343 2.35 -14.72 2.98
C VAL A 343 2.60 -14.76 4.48
N VAL A 344 1.98 -13.84 5.20
CA VAL A 344 2.19 -13.81 6.64
C VAL A 344 1.81 -15.13 7.31
N LEU A 345 0.79 -15.80 6.79
CA LEU A 345 0.34 -17.08 7.35
C LEU A 345 1.42 -18.12 7.14
N LEU A 346 1.98 -18.14 5.93
CA LEU A 346 3.04 -19.08 5.63
C LEU A 346 4.20 -18.86 6.59
N LEU A 347 4.46 -17.59 6.92
CA LEU A 347 5.55 -17.24 7.82
C LEU A 347 5.26 -17.77 9.22
N ARG A 348 4.01 -17.65 9.65
CA ARG A 348 3.62 -18.17 10.97
C ARG A 348 3.88 -19.68 11.03
N LEU A 349 3.55 -20.39 9.97
CA LEU A 349 3.77 -21.83 9.95
C LEU A 349 5.26 -22.15 10.01
N ALA A 350 6.06 -21.38 9.28
CA ALA A 350 7.51 -21.62 9.27
C ALA A 350 8.11 -21.32 10.65
N LYS A 351 7.63 -20.26 11.29
CA LYS A 351 8.13 -19.90 12.61
C LYS A 351 7.77 -21.06 13.54
N THR A 352 6.52 -21.53 13.45
CA THR A 352 6.04 -22.64 14.27
C THR A 352 6.85 -23.91 14.04
N TYR A 353 7.15 -24.19 12.78
CA TYR A 353 7.95 -25.36 12.45
C TYR A 353 9.39 -25.17 12.97
N GLU A 354 9.84 -23.92 13.03
CA GLU A 354 11.18 -23.60 13.52
C GLU A 354 11.31 -23.82 15.03
N THR A 355 10.33 -23.33 15.77
CA THR A 355 10.34 -23.47 17.22
C THR A 355 10.30 -24.95 17.59
N THR A 356 9.63 -25.74 16.77
CA THR A 356 9.54 -27.16 17.04
C THR A 356 10.90 -27.81 16.84
N LEU A 357 11.47 -27.72 15.63
CA LEU A 357 12.77 -28.32 15.38
C LEU A 357 13.82 -27.93 16.41
N GLU A 358 13.69 -26.73 16.98
CA GLU A 358 14.64 -26.25 17.99
C GLU A 358 14.41 -26.98 19.30
N LYS A 359 13.15 -27.22 19.63
CA LYS A 359 12.77 -27.90 20.85
C LYS A 359 12.43 -29.36 20.56
N CYS A 360 13.21 -30.01 19.70
CA CYS A 360 12.96 -31.40 19.37
C CYS A 360 14.24 -32.08 18.88
N CYS A 361 15.09 -31.29 18.24
CA CYS A 361 16.34 -31.80 17.74
C CYS A 361 17.32 -31.89 18.89
N ALA A 362 16.87 -31.44 20.04
CA ALA A 362 17.68 -31.45 21.25
C ALA A 362 17.00 -32.43 22.18
N ALA A 363 16.16 -33.28 21.59
CA ALA A 363 15.42 -34.29 22.35
C ALA A 363 16.02 -35.66 22.07
N ALA A 364 15.85 -36.58 23.02
CA ALA A 364 16.37 -37.92 22.91
C ALA A 364 15.98 -38.55 21.57
N ASP A 365 14.69 -38.60 21.29
CA ASP A 365 14.23 -39.17 20.04
C ASP A 365 13.53 -38.10 19.20
N PRO A 366 14.28 -37.42 18.32
CA PRO A 366 13.78 -36.36 17.44
C PRO A 366 12.51 -36.74 16.68
N HIS A 367 12.66 -37.72 15.78
CA HIS A 367 11.56 -38.20 14.94
C HIS A 367 10.22 -38.36 15.61
N GLU A 368 10.20 -38.64 16.91
CA GLU A 368 8.95 -38.81 17.64
C GLU A 368 8.47 -37.51 18.28
N CYS A 369 9.41 -36.61 18.55
CA CYS A 369 9.11 -35.33 19.16
C CYS A 369 8.37 -34.42 18.19
N TYR A 370 8.96 -34.23 17.02
CA TYR A 370 8.36 -33.36 16.02
C TYR A 370 7.31 -34.01 15.11
N ALA A 371 7.16 -35.32 15.24
CA ALA A 371 6.22 -36.10 14.43
C ALA A 371 4.81 -35.53 14.19
N LYS A 372 4.23 -34.86 15.18
CA LYS A 372 2.87 -34.33 15.01
C LYS A 372 2.81 -32.82 14.76
N VAL A 373 3.88 -32.25 14.21
CA VAL A 373 3.94 -30.81 13.97
C VAL A 373 2.84 -30.26 13.03
N PHE A 374 2.61 -30.95 11.92
CA PHE A 374 1.58 -30.55 10.97
C PHE A 374 0.19 -30.46 11.61
N ASP A 375 0.05 -31.02 12.81
CA ASP A 375 -1.20 -30.99 13.54
C ASP A 375 -1.33 -29.64 14.23
N GLU A 376 -0.21 -28.96 14.36
CA GLU A 376 -0.19 -27.67 15.03
C GLU A 376 -0.41 -26.51 14.07
N PHE A 377 -0.36 -26.80 12.78
CA PHE A 377 -0.58 -25.79 11.76
C PHE A 377 -2.08 -25.49 11.69
N LYS A 378 -2.87 -26.55 11.63
CA LYS A 378 -4.32 -26.47 11.52
C LYS A 378 -4.99 -25.23 12.14
N PRO A 379 -4.93 -25.07 13.46
CA PRO A 379 -5.56 -23.89 14.04
C PRO A 379 -5.01 -22.56 13.52
N LEU A 380 -3.73 -22.54 13.15
CA LEU A 380 -3.12 -21.32 12.62
C LEU A 380 -3.71 -20.99 11.27
N VAL A 381 -3.97 -22.03 10.48
CA VAL A 381 -4.55 -21.86 9.16
C VAL A 381 -6.01 -21.50 9.22
N GLU A 382 -6.73 -22.12 10.15
CA GLU A 382 -8.18 -21.89 10.27
C GLU A 382 -8.61 -20.51 10.76
N GLU A 383 -7.83 -19.95 11.68
CA GLU A 383 -8.13 -18.63 12.24
C GLU A 383 -8.39 -17.61 11.12
N PRO A 384 -7.43 -17.40 10.21
CA PRO A 384 -7.67 -16.42 9.15
C PRO A 384 -8.82 -16.84 8.22
N GLN A 385 -8.90 -18.12 7.86
CA GLN A 385 -9.98 -18.59 7.00
C GLN A 385 -11.36 -18.27 7.60
N ASN A 386 -11.59 -18.65 8.85
CA ASN A 386 -12.88 -18.37 9.48
C ASN A 386 -13.21 -16.88 9.55
N LEU A 387 -12.21 -16.04 9.81
CA LEU A 387 -12.45 -14.61 9.87
C LEU A 387 -12.99 -14.11 8.54
N ILE A 388 -12.39 -14.57 7.43
CA ILE A 388 -12.81 -14.17 6.10
C ILE A 388 -14.25 -14.59 5.80
N LYS A 389 -14.55 -15.88 5.97
CA LYS A 389 -15.88 -16.40 5.70
C LYS A 389 -16.90 -15.61 6.48
N GLN A 390 -16.66 -15.56 7.78
CA GLN A 390 -17.54 -14.86 8.70
C GLN A 390 -17.70 -13.39 8.36
N ASN A 391 -16.61 -12.73 7.98
CA ASN A 391 -16.71 -11.31 7.65
C ASN A 391 -17.27 -11.05 6.26
N CYS A 392 -17.05 -11.97 5.33
CA CYS A 392 -17.57 -11.79 3.99
C CYS A 392 -19.06 -12.11 3.98
N GLU A 393 -19.48 -13.08 4.79
CA GLU A 393 -20.89 -13.41 4.84
C GLU A 393 -21.66 -12.16 5.26
N LEU A 394 -21.32 -11.64 6.43
CA LEU A 394 -21.92 -10.43 6.97
C LEU A 394 -21.95 -9.31 5.92
N PHE A 395 -20.82 -9.09 5.26
CA PHE A 395 -20.75 -8.05 4.25
C PHE A 395 -21.76 -8.24 3.11
N GLU A 396 -22.13 -9.48 2.82
CA GLU A 396 -23.08 -9.72 1.75
C GLU A 396 -24.51 -9.51 2.23
N GLN A 397 -24.71 -9.69 3.53
CA GLN A 397 -26.02 -9.48 4.12
C GLN A 397 -26.29 -7.98 4.11
N LEU A 398 -25.30 -7.20 4.53
CA LEU A 398 -25.40 -5.75 4.57
C LEU A 398 -24.64 -5.26 3.36
N GLY A 399 -24.68 -3.96 3.09
CA GLY A 399 -23.92 -3.48 1.94
C GLY A 399 -22.60 -2.94 2.44
N GLU A 400 -21.83 -2.31 1.56
CA GLU A 400 -20.56 -1.72 1.96
C GLU A 400 -20.83 -0.78 3.12
N TYR A 401 -21.70 0.19 2.89
CA TYR A 401 -22.05 1.19 3.88
C TYR A 401 -22.53 0.63 5.23
N LYS A 402 -23.55 -0.23 5.20
CA LYS A 402 -24.05 -0.79 6.43
C LYS A 402 -23.00 -1.67 7.09
N PHE A 403 -22.20 -2.34 6.26
CA PHE A 403 -21.16 -3.21 6.76
C PHE A 403 -20.12 -2.36 7.50
N GLN A 404 -19.92 -1.15 7.02
CA GLN A 404 -18.96 -0.26 7.65
C GLN A 404 -19.45 0.19 9.00
N ASN A 405 -20.77 0.28 9.13
CA ASN A 405 -21.36 0.69 10.39
C ASN A 405 -21.16 -0.38 11.46
N ALA A 406 -21.26 -1.64 11.04
CA ALA A 406 -21.07 -2.76 11.94
C ALA A 406 -19.65 -2.74 12.48
N LEU A 407 -18.69 -2.49 11.59
CA LEU A 407 -17.28 -2.42 11.99
C LEU A 407 -17.07 -1.25 12.95
N LEU A 408 -17.77 -0.16 12.69
CA LEU A 408 -17.69 1.04 13.50
C LEU A 408 -18.07 0.68 14.93
N VAL A 409 -19.23 0.08 15.07
CA VAL A 409 -19.67 -0.31 16.40
C VAL A 409 -18.66 -1.24 17.04
N ARG A 410 -18.21 -2.24 16.29
CA ARG A 410 -17.26 -3.22 16.78
C ARG A 410 -15.90 -2.70 17.25
N TYR A 411 -15.31 -1.77 16.52
CA TYR A 411 -14.00 -1.24 16.91
C TYR A 411 -14.07 -0.07 17.90
N THR A 412 -15.18 0.63 17.94
CA THR A 412 -15.33 1.71 18.89
C THR A 412 -15.40 1.10 20.30
N LYS A 413 -16.04 -0.06 20.38
CA LYS A 413 -16.18 -0.78 21.63
C LYS A 413 -14.83 -1.32 22.09
N LYS A 414 -14.00 -1.73 21.14
CA LYS A 414 -12.69 -2.28 21.49
C LYS A 414 -11.71 -1.21 21.94
N VAL A 415 -11.75 -0.04 21.31
CA VAL A 415 -10.86 1.07 21.69
C VAL A 415 -11.62 2.40 21.65
N PRO A 416 -12.51 2.63 22.63
CA PRO A 416 -13.31 3.86 22.72
C PRO A 416 -12.43 5.10 22.86
N GLN A 417 -11.20 4.89 23.30
CA GLN A 417 -10.24 5.96 23.52
C GLN A 417 -9.73 6.59 22.22
N VAL A 418 -9.87 5.88 21.12
CA VAL A 418 -9.42 6.41 19.84
C VAL A 418 -10.34 7.54 19.39
N SER A 419 -9.77 8.48 18.67
CA SER A 419 -10.48 9.63 18.13
C SER A 419 -11.62 9.20 17.20
N THR A 420 -12.73 9.92 17.25
CA THR A 420 -13.90 9.61 16.42
C THR A 420 -13.61 9.65 14.92
N PRO A 421 -12.92 10.68 14.45
CA PRO A 421 -12.65 10.70 13.01
C PRO A 421 -11.66 9.64 12.53
N THR A 422 -10.84 9.13 13.46
CA THR A 422 -9.86 8.10 13.12
C THR A 422 -10.58 6.76 12.97
N LEU A 423 -11.60 6.56 13.81
CA LEU A 423 -12.38 5.33 13.78
C LEU A 423 -13.20 5.27 12.49
N VAL A 424 -13.73 6.42 12.07
CA VAL A 424 -14.53 6.48 10.85
C VAL A 424 -13.67 6.21 9.63
N GLU A 425 -12.53 6.89 9.54
CA GLU A 425 -11.58 6.72 8.45
C GLU A 425 -11.16 5.24 8.31
N VAL A 426 -10.66 4.68 9.42
CA VAL A 426 -10.23 3.29 9.47
C VAL A 426 -11.33 2.29 9.16
N SER A 427 -12.52 2.48 9.73
CA SER A 427 -13.63 1.57 9.48
C SER A 427 -14.10 1.66 8.05
N ARG A 428 -14.11 2.86 7.48
CA ARG A 428 -14.53 2.98 6.09
C ARG A 428 -13.52 2.23 5.21
N ASN A 429 -12.23 2.46 5.43
CA ASN A 429 -11.20 1.78 4.65
C ASN A 429 -11.26 0.28 4.82
N LEU A 430 -11.58 -0.15 6.04
CA LEU A 430 -11.70 -1.56 6.33
C LEU A 430 -12.87 -2.10 5.53
N GLY A 431 -13.98 -1.36 5.57
CA GLY A 431 -15.16 -1.77 4.83
C GLY A 431 -14.84 -1.99 3.36
N LYS A 432 -14.04 -1.09 2.80
CA LYS A 432 -13.67 -1.18 1.39
C LYS A 432 -12.93 -2.48 1.09
N VAL A 433 -12.04 -2.89 1.99
CA VAL A 433 -11.28 -4.11 1.79
C VAL A 433 -12.26 -5.28 1.70
N GLY A 434 -13.39 -5.17 2.38
CA GLY A 434 -14.38 -6.23 2.33
C GLY A 434 -15.13 -6.26 1.00
N SER A 435 -15.47 -5.07 0.49
CA SER A 435 -16.19 -5.00 -0.76
C SER A 435 -15.28 -5.32 -1.95
N LYS A 436 -13.98 -5.26 -1.73
CA LYS A 436 -13.03 -5.56 -2.79
C LYS A 436 -12.63 -7.04 -2.82
N CYS A 437 -12.34 -7.59 -1.64
CA CYS A 437 -11.90 -8.97 -1.57
C CYS A 437 -12.98 -10.01 -1.50
N CYS A 438 -14.13 -9.66 -0.94
CA CYS A 438 -15.19 -10.64 -0.82
C CYS A 438 -15.81 -11.06 -2.17
N LYS A 439 -15.63 -10.24 -3.20
CA LYS A 439 -16.18 -10.58 -4.51
C LYS A 439 -15.33 -11.65 -5.17
N HIS A 440 -14.24 -12.03 -4.53
CA HIS A 440 -13.31 -13.04 -5.04
C HIS A 440 -13.67 -14.46 -4.63
N PRO A 441 -13.25 -15.45 -5.41
CA PRO A 441 -13.58 -16.80 -5.00
C PRO A 441 -12.65 -17.11 -3.84
N GLU A 442 -13.14 -17.92 -2.90
CA GLU A 442 -12.37 -18.30 -1.71
C GLU A 442 -10.84 -18.42 -1.86
N ALA A 443 -10.38 -19.16 -2.86
CA ALA A 443 -8.95 -19.37 -3.05
C ALA A 443 -8.08 -18.12 -3.24
N LYS A 444 -8.69 -16.96 -3.38
CA LYS A 444 -7.90 -15.74 -3.58
C LYS A 444 -8.23 -14.66 -2.55
N ARG A 445 -9.16 -14.95 -1.66
CA ARG A 445 -9.57 -13.98 -0.66
C ARG A 445 -8.48 -13.59 0.32
N MET A 446 -7.87 -14.58 0.98
CA MET A 446 -6.83 -14.32 1.98
C MET A 446 -5.65 -13.52 1.43
N PRO A 447 -5.18 -13.85 0.23
CA PRO A 447 -4.05 -13.08 -0.28
C PRO A 447 -4.47 -11.63 -0.50
N CYS A 448 -5.71 -11.48 -0.91
CA CYS A 448 -6.30 -10.17 -1.19
C CYS A 448 -6.41 -9.31 0.08
N ALA A 449 -7.00 -9.89 1.12
CA ALA A 449 -7.17 -9.17 2.37
C ALA A 449 -5.81 -8.75 2.94
N GLU A 450 -4.84 -9.64 2.88
CA GLU A 450 -3.51 -9.34 3.40
C GLU A 450 -2.91 -8.11 2.75
N ASP A 451 -3.01 -8.05 1.43
CA ASP A 451 -2.46 -6.93 0.69
C ASP A 451 -3.08 -5.61 1.13
N TYR A 452 -4.41 -5.58 1.19
CA TYR A 452 -5.12 -4.37 1.58
C TYR A 452 -5.04 -4.07 3.07
N LEU A 453 -5.15 -5.11 3.87
CA LEU A 453 -5.13 -4.98 5.31
C LEU A 453 -3.79 -4.47 5.82
N SER A 454 -2.71 -4.79 5.10
CA SER A 454 -1.39 -4.37 5.51
C SER A 454 -1.16 -2.85 5.45
N VAL A 455 -1.76 -2.17 4.49
CA VAL A 455 -1.59 -0.73 4.40
C VAL A 455 -2.51 -0.04 5.39
N VAL A 456 -3.74 -0.53 5.52
CA VAL A 456 -4.70 0.07 6.45
C VAL A 456 -4.18 -0.03 7.90
N LEU A 457 -3.54 -1.15 8.22
CA LEU A 457 -3.01 -1.37 9.56
C LEU A 457 -1.77 -0.53 9.77
N ASN A 458 -1.04 -0.28 8.70
CA ASN A 458 0.15 0.55 8.78
C ASN A 458 -0.21 2.02 8.97
N GLN A 459 -1.17 2.50 8.18
CA GLN A 459 -1.61 3.88 8.28
C GLN A 459 -2.17 4.12 9.67
N LEU A 460 -2.92 3.14 10.15
CA LEU A 460 -3.52 3.20 11.46
C LEU A 460 -2.46 3.34 12.56
N CYS A 461 -1.38 2.59 12.41
CA CYS A 461 -0.31 2.63 13.39
C CYS A 461 0.47 3.94 13.35
N VAL A 462 0.64 4.48 12.15
CA VAL A 462 1.37 5.74 11.99
C VAL A 462 0.64 6.83 12.77
N LEU A 463 -0.65 7.02 12.47
CA LEU A 463 -1.42 8.03 13.17
C LEU A 463 -1.21 7.88 14.67
N HIS A 464 -1.60 6.72 15.19
CA HIS A 464 -1.46 6.44 16.61
C HIS A 464 -0.05 6.71 17.08
N GLU A 465 0.94 6.41 16.24
CA GLU A 465 2.33 6.65 16.61
C GLU A 465 2.40 8.11 17.07
N LYS A 466 1.88 9.00 16.24
CA LYS A 466 1.88 10.42 16.56
C LYS A 466 1.05 10.70 17.81
N THR A 467 -0.24 10.45 17.76
CA THR A 467 -1.11 10.71 18.90
C THR A 467 -1.45 9.41 19.62
N PRO A 468 -0.54 8.91 20.46
CA PRO A 468 -0.76 7.67 21.21
C PRO A 468 -1.94 7.80 22.13
N VAL A 469 -2.80 6.79 22.13
CA VAL A 469 -3.99 6.83 22.98
C VAL A 469 -4.22 5.53 23.74
N SER A 470 -3.82 4.40 23.16
CA SER A 470 -4.01 3.12 23.83
C SER A 470 -2.74 2.26 23.83
N ASP A 471 -2.44 1.67 24.98
CA ASP A 471 -1.27 0.82 25.11
C ASP A 471 -1.39 -0.43 24.24
N ARG A 472 -2.61 -0.96 24.17
CA ARG A 472 -2.87 -2.14 23.36
C ARG A 472 -2.54 -1.91 21.89
N VAL A 473 -3.07 -0.82 21.31
CA VAL A 473 -2.81 -0.52 19.90
C VAL A 473 -1.31 -0.40 19.67
N THR A 474 -0.61 0.18 20.63
CA THR A 474 0.83 0.32 20.52
C THR A 474 1.44 -1.07 20.63
N LYS A 475 0.81 -1.92 21.45
CA LYS A 475 1.26 -3.29 21.63
C LYS A 475 1.19 -4.01 20.29
N CYS A 476 0.06 -3.87 19.60
CA CYS A 476 -0.14 -4.51 18.31
C CYS A 476 0.71 -3.86 17.23
N CYS A 477 0.81 -2.53 17.28
CA CYS A 477 1.59 -1.80 16.29
C CYS A 477 3.08 -2.03 16.33
N THR A 478 3.64 -2.24 17.51
CA THR A 478 5.08 -2.47 17.63
C THR A 478 5.39 -3.97 17.66
N GLU A 479 4.34 -4.78 17.59
CA GLU A 479 4.49 -6.24 17.60
C GLU A 479 5.18 -6.72 16.31
N SER A 480 5.52 -8.01 16.23
CA SER A 480 6.16 -8.55 15.04
C SER A 480 5.19 -8.51 13.84
N LEU A 481 5.73 -8.22 12.66
CA LEU A 481 4.94 -8.12 11.43
C LEU A 481 4.00 -9.30 11.24
N VAL A 482 4.43 -10.47 11.69
CA VAL A 482 3.62 -11.66 11.56
C VAL A 482 2.50 -11.74 12.62
N ASN A 483 2.67 -11.05 13.75
CA ASN A 483 1.64 -11.07 14.79
C ASN A 483 0.73 -9.87 14.72
N ARG A 484 1.12 -8.87 13.94
CA ARG A 484 0.32 -7.65 13.84
C ARG A 484 -1.20 -7.83 13.74
N ARG A 485 -1.67 -8.45 12.67
CA ARG A 485 -3.10 -8.61 12.48
C ARG A 485 -3.74 -9.51 13.54
N PRO A 486 -3.10 -10.64 13.88
CA PRO A 486 -3.75 -11.48 14.90
C PRO A 486 -3.89 -10.70 16.21
N CYS A 487 -2.95 -9.79 16.44
CA CYS A 487 -2.97 -8.97 17.65
C CYS A 487 -4.19 -8.06 17.70
N PHE A 488 -4.52 -7.44 16.58
CA PHE A 488 -5.67 -6.56 16.52
C PHE A 488 -6.94 -7.39 16.56
N SER A 489 -6.88 -8.56 15.94
CA SER A 489 -8.03 -9.46 15.92
C SER A 489 -8.34 -9.92 17.33
N ALA A 490 -7.31 -9.98 18.16
CA ALA A 490 -7.46 -10.44 19.55
C ALA A 490 -7.98 -9.38 20.53
N LEU A 491 -8.15 -8.15 20.08
CA LEU A 491 -8.66 -7.12 20.97
C LEU A 491 -10.06 -7.52 21.38
N GLU A 492 -10.45 -7.12 22.58
CA GLU A 492 -11.78 -7.44 23.11
C GLU A 492 -12.42 -6.16 23.60
N VAL A 493 -13.73 -6.19 23.78
CA VAL A 493 -14.45 -5.02 24.24
C VAL A 493 -13.72 -4.43 25.43
N ASP A 494 -13.55 -3.11 25.42
CA ASP A 494 -12.86 -2.46 26.52
C ASP A 494 -13.85 -2.32 27.66
N GLU A 495 -13.51 -2.90 28.80
CA GLU A 495 -14.39 -2.85 29.96
C GLU A 495 -13.95 -1.78 30.95
N THR A 496 -12.67 -1.45 30.93
CA THR A 496 -12.14 -0.43 31.82
C THR A 496 -12.73 0.93 31.42
N TYR A 497 -13.17 1.03 30.16
CA TYR A 497 -13.72 2.28 29.63
C TYR A 497 -14.91 2.91 30.33
N VAL A 498 -14.80 4.21 30.58
CA VAL A 498 -15.87 4.97 31.24
C VAL A 498 -16.58 5.87 30.21
N PRO A 499 -17.89 5.66 30.00
CA PRO A 499 -18.78 6.38 29.08
C PRO A 499 -18.59 7.89 28.94
N LYS A 500 -18.76 8.36 27.71
CA LYS A 500 -18.64 9.78 27.40
C LYS A 500 -19.95 10.42 27.84
N GLU A 501 -19.85 11.57 28.52
CA GLU A 501 -21.04 12.26 29.00
C GLU A 501 -21.91 12.77 27.85
N PHE A 502 -23.23 12.67 28.03
CA PHE A 502 -24.16 13.10 26.99
C PHE A 502 -24.00 14.55 26.61
N ASN A 503 -23.82 14.80 25.31
CA ASN A 503 -23.70 16.15 24.81
C ASN A 503 -24.84 16.40 23.84
N ALA A 504 -25.73 17.31 24.20
CA ALA A 504 -26.89 17.63 23.38
C ALA A 504 -26.53 17.93 21.92
N GLU A 505 -25.64 18.90 21.71
CA GLU A 505 -25.22 19.27 20.37
C GLU A 505 -24.96 18.05 19.50
N THR A 506 -23.95 17.27 19.89
CA THR A 506 -23.52 16.07 19.18
C THR A 506 -24.60 15.22 18.52
N PHE A 507 -25.82 15.25 19.05
CA PHE A 507 -26.87 14.45 18.43
C PHE A 507 -28.01 15.27 17.81
N THR A 508 -27.71 16.55 17.56
CA THR A 508 -28.65 17.48 16.94
C THR A 508 -28.42 17.47 15.43
N PHE A 509 -29.49 17.47 14.64
CA PHE A 509 -29.33 17.47 13.19
C PHE A 509 -30.19 18.48 12.45
N HIS A 510 -29.58 19.16 11.48
CA HIS A 510 -30.26 20.17 10.67
C HIS A 510 -30.44 19.63 9.26
N ALA A 511 -31.43 20.16 8.55
CA ALA A 511 -31.74 19.73 7.19
C ALA A 511 -30.59 19.82 6.19
N ASP A 512 -29.49 20.46 6.55
CA ASP A 512 -28.37 20.56 5.63
C ASP A 512 -27.87 19.19 5.22
N ILE A 513 -27.99 18.21 6.11
CA ILE A 513 -27.55 16.85 5.78
C ILE A 513 -28.27 16.42 4.52
N CYS A 514 -29.50 16.90 4.38
CA CYS A 514 -30.31 16.58 3.22
C CYS A 514 -29.63 16.98 1.90
N THR A 515 -29.08 18.19 1.89
CA THR A 515 -28.42 18.73 0.70
C THR A 515 -26.99 18.24 0.54
N LEU A 516 -26.51 17.48 1.52
CA LEU A 516 -25.15 16.96 1.49
C LEU A 516 -25.03 15.75 0.57
N SER A 517 -23.82 15.53 0.07
CA SER A 517 -23.54 14.41 -0.83
C SER A 517 -23.56 13.07 -0.09
N GLU A 518 -23.80 12.01 -0.84
CA GLU A 518 -23.84 10.66 -0.27
C GLU A 518 -22.72 10.44 0.72
N LYS A 519 -21.49 10.70 0.30
CA LYS A 519 -20.34 10.50 1.18
C LYS A 519 -20.46 11.39 2.41
N GLU A 520 -20.92 12.62 2.22
CA GLU A 520 -21.07 13.56 3.33
C GLU A 520 -22.10 13.12 4.36
N ARG A 521 -23.25 12.65 3.89
CA ARG A 521 -24.30 12.19 4.80
C ARG A 521 -23.78 11.04 5.64
N GLN A 522 -23.26 10.03 4.96
CA GLN A 522 -22.71 8.84 5.59
C GLN A 522 -21.74 9.22 6.71
N ILE A 523 -20.65 9.84 6.33
CA ILE A 523 -19.68 10.25 7.33
C ILE A 523 -20.35 11.07 8.43
N LYS A 524 -21.39 11.82 8.07
CA LYS A 524 -22.10 12.61 9.06
C LYS A 524 -22.82 11.71 10.05
N LYS A 525 -23.45 10.66 9.53
CA LYS A 525 -24.18 9.71 10.35
C LYS A 525 -23.21 8.82 11.11
N GLN A 526 -22.21 8.32 10.39
CA GLN A 526 -21.21 7.44 10.97
C GLN A 526 -20.51 8.05 12.15
N THR A 527 -20.31 9.37 12.10
CA THR A 527 -19.65 10.09 13.18
C THR A 527 -20.55 10.12 14.42
N ALA A 528 -21.84 10.27 14.19
CA ALA A 528 -22.81 10.29 15.28
C ALA A 528 -22.89 8.88 15.86
N LEU A 529 -22.76 7.89 14.97
CA LEU A 529 -22.80 6.50 15.38
C LEU A 529 -21.69 6.20 16.35
N VAL A 530 -20.48 6.68 16.06
CA VAL A 530 -19.34 6.45 16.93
C VAL A 530 -19.55 7.16 18.26
N GLU A 531 -20.04 8.40 18.19
CA GLU A 531 -20.29 9.17 19.40
C GLU A 531 -21.35 8.49 20.26
N LEU A 532 -22.27 7.81 19.59
CA LEU A 532 -23.33 7.08 20.28
C LEU A 532 -22.73 5.93 21.11
N VAL A 533 -21.98 5.09 20.44
CA VAL A 533 -21.34 3.97 21.09
C VAL A 533 -20.40 4.42 22.22
N LYS A 534 -19.77 5.58 22.07
CA LYS A 534 -18.87 6.07 23.12
C LYS A 534 -19.65 6.56 24.34
N HIS A 535 -20.94 6.80 24.15
CA HIS A 535 -21.81 7.28 25.22
C HIS A 535 -22.56 6.12 25.89
N LYS A 536 -22.89 5.11 25.09
CA LYS A 536 -23.60 3.93 25.58
C LYS A 536 -22.88 2.68 25.08
N PRO A 537 -21.65 2.42 25.57
CA PRO A 537 -20.87 1.26 25.16
C PRO A 537 -21.45 -0.12 25.51
N LYS A 538 -22.19 -0.20 26.61
CA LYS A 538 -22.76 -1.47 27.00
C LYS A 538 -24.07 -1.75 26.29
N ALA A 539 -24.39 -0.93 25.30
CA ALA A 539 -25.61 -1.10 24.53
C ALA A 539 -25.50 -2.37 23.67
N THR A 540 -26.63 -3.03 23.46
CA THR A 540 -26.70 -4.27 22.68
C THR A 540 -26.93 -4.02 21.19
N LYS A 541 -26.50 -4.96 20.35
CA LYS A 541 -26.71 -4.81 18.91
C LYS A 541 -28.19 -4.54 18.68
N GLU A 542 -29.03 -5.29 19.37
CA GLU A 542 -30.47 -5.10 19.22
C GLU A 542 -30.80 -3.67 19.63
N GLN A 543 -30.50 -3.31 20.87
CA GLN A 543 -30.77 -1.95 21.33
C GLN A 543 -30.32 -0.92 20.30
N LEU A 544 -29.07 -1.06 19.87
CA LEU A 544 -28.45 -0.16 18.90
C LEU A 544 -29.14 -0.22 17.55
N LYS A 545 -29.30 -1.43 17.03
CA LYS A 545 -29.95 -1.64 15.74
C LYS A 545 -31.28 -0.90 15.69
N ALA A 546 -31.99 -0.85 16.82
CA ALA A 546 -33.26 -0.16 16.88
C ALA A 546 -33.11 1.36 16.70
N VAL A 547 -32.23 1.96 17.49
CA VAL A 547 -31.98 3.40 17.40
C VAL A 547 -31.54 3.77 16.00
N MET A 548 -30.55 3.07 15.49
CA MET A 548 -30.03 3.35 14.16
C MET A 548 -31.12 3.43 13.10
N ASP A 549 -31.98 2.42 13.06
CA ASP A 549 -33.04 2.41 12.06
C ASP A 549 -34.04 3.54 12.30
N ASP A 550 -34.23 3.93 13.56
CA ASP A 550 -35.13 5.02 13.89
C ASP A 550 -34.55 6.28 13.25
N PHE A 551 -33.33 6.61 13.63
CA PHE A 551 -32.64 7.76 13.10
C PHE A 551 -32.70 7.68 11.58
N ALA A 552 -32.32 6.53 11.05
CA ALA A 552 -32.33 6.31 9.61
C ALA A 552 -33.53 6.95 8.95
N ALA A 553 -34.72 6.54 9.38
CA ALA A 553 -35.97 7.05 8.85
C ALA A 553 -36.09 8.54 9.13
N PHE A 554 -36.01 8.91 10.41
CA PHE A 554 -36.10 10.30 10.82
C PHE A 554 -35.38 11.23 9.84
N VAL A 555 -34.23 10.79 9.32
CA VAL A 555 -33.47 11.58 8.36
C VAL A 555 -34.22 11.68 7.05
N GLU A 556 -34.69 10.55 6.53
CA GLU A 556 -35.42 10.53 5.27
C GLU A 556 -36.78 11.19 5.44
N LYS A 557 -37.47 10.82 6.52
CA LYS A 557 -38.80 11.35 6.82
C LYS A 557 -38.78 12.84 7.10
N CYS A 558 -37.60 13.46 7.03
CA CYS A 558 -37.49 14.89 7.29
C CYS A 558 -36.90 15.62 6.10
N CYS A 559 -36.21 14.89 5.24
CA CYS A 559 -35.62 15.50 4.06
C CYS A 559 -36.66 15.49 2.96
N LYS A 560 -37.63 14.59 3.09
CA LYS A 560 -38.70 14.47 2.12
C LYS A 560 -39.93 15.11 2.76
N ALA A 561 -39.69 16.06 3.66
CA ALA A 561 -40.78 16.74 4.37
C ALA A 561 -40.86 18.24 4.10
N ASP A 562 -42.05 18.80 4.33
CA ASP A 562 -42.32 20.23 4.12
C ASP A 562 -41.28 21.14 4.75
N ASP A 563 -41.60 21.68 5.92
CA ASP A 563 -40.69 22.57 6.60
C ASP A 563 -39.58 21.76 7.27
N LYS A 564 -38.63 21.32 6.45
CA LYS A 564 -37.49 20.51 6.89
C LYS A 564 -36.85 20.85 8.22
N GLU A 565 -36.42 22.10 8.39
CA GLU A 565 -35.77 22.50 9.64
C GLU A 565 -36.55 22.20 10.91
N THR A 566 -37.85 22.47 10.90
CA THR A 566 -38.68 22.19 12.07
C THR A 566 -38.76 20.68 12.23
N CYS A 567 -38.94 19.96 11.12
CA CYS A 567 -39.02 18.50 11.14
C CYS A 567 -37.85 17.98 11.98
N PHE A 568 -36.63 18.32 11.58
CA PHE A 568 -35.44 17.89 12.31
C PHE A 568 -35.44 18.45 13.73
N ALA A 569 -35.99 19.64 13.90
CA ALA A 569 -36.02 20.29 15.22
C ALA A 569 -37.02 19.64 16.16
N GLU A 570 -38.23 19.40 15.67
CA GLU A 570 -39.30 18.81 16.45
C GLU A 570 -39.15 17.31 16.57
N GLU A 571 -38.98 16.64 15.44
CA GLU A 571 -38.80 15.20 15.45
C GLU A 571 -37.51 14.83 16.17
N GLY A 572 -36.47 15.64 15.95
CA GLY A 572 -35.19 15.41 16.59
C GLY A 572 -35.25 15.46 18.10
N LYS A 573 -36.04 16.38 18.63
CA LYS A 573 -36.16 16.48 20.07
C LYS A 573 -36.70 15.14 20.56
N LYS A 574 -37.67 14.60 19.84
CA LYS A 574 -38.30 13.33 20.19
C LYS A 574 -37.34 12.15 20.12
N LEU A 575 -36.72 11.95 18.97
CA LEU A 575 -35.79 10.84 18.79
C LEU A 575 -34.81 10.74 19.95
N VAL A 576 -34.01 11.79 20.11
CA VAL A 576 -33.02 11.80 21.19
C VAL A 576 -33.65 11.45 22.52
N ALA A 577 -34.83 12.01 22.80
CA ALA A 577 -35.53 11.77 24.06
C ALA A 577 -35.88 10.31 24.28
N ALA A 578 -36.51 9.71 23.27
CA ALA A 578 -36.93 8.32 23.31
C ALA A 578 -35.71 7.41 23.36
N SER A 579 -34.83 7.56 22.38
CA SER A 579 -33.62 6.76 22.28
C SER A 579 -32.89 6.68 23.61
N GLN A 580 -32.77 7.81 24.31
CA GLN A 580 -32.08 7.79 25.59
C GLN A 580 -32.83 6.88 26.55
N ALA A 581 -34.15 6.92 26.49
CA ALA A 581 -34.98 6.10 27.35
C ALA A 581 -34.73 4.63 27.05
N ALA A 582 -34.65 4.31 25.76
CA ALA A 582 -34.42 2.95 25.30
C ALA A 582 -33.02 2.44 25.69
N LEU A 583 -32.11 3.37 25.91
CA LEU A 583 -30.74 3.01 26.28
C LEU A 583 -30.50 3.22 27.78
N GLY A 584 -31.54 3.63 28.49
CA GLY A 584 -31.43 3.86 29.92
C GLY A 584 -30.18 4.62 30.33
C1 MYR B . -7.26 13.78 -6.60
O1 MYR B . -7.89 13.12 -7.44
O2 MYR B . -7.69 14.02 -5.45
C2 MYR B . -5.87 14.31 -6.98
C3 MYR B . -5.99 15.51 -7.94
C4 MYR B . -5.18 15.10 -9.18
C5 MYR B . -6.09 14.99 -10.42
C6 MYR B . -5.40 15.49 -11.69
C7 MYR B . -4.98 14.35 -12.61
C8 MYR B . -3.62 14.59 -13.26
C9 MYR B . -2.47 13.94 -12.48
C10 MYR B . -1.36 13.50 -13.42
C11 MYR B . -0.13 13.01 -12.66
C12 MYR B . -0.21 11.52 -12.35
C1 MYR C . 12.74 -0.39 -14.22
O1 MYR C . 12.34 -1.31 -14.95
O2 MYR C . 12.18 -0.12 -13.12
C2 MYR C . 13.93 0.46 -14.67
C3 MYR C . 13.56 1.37 -15.85
C4 MYR C . 14.85 2.14 -16.15
C5 MYR C . 14.57 3.62 -16.40
C6 MYR C . 15.80 4.48 -16.19
C7 MYR C . 15.45 5.82 -15.54
C8 MYR C . 16.65 6.77 -15.51
C9 MYR C . 16.33 8.11 -16.20
C10 MYR C . 17.11 9.27 -15.57
C11 MYR C . 17.82 10.11 -16.64
C1 MYR D . -3.42 -12.83 7.83
O1 MYR D . -3.15 -12.31 8.92
O2 MYR D . -3.17 -14.03 7.58
C2 MYR D . -4.07 -11.98 6.74
C3 MYR D . -5.53 -12.42 6.51
C4 MYR D . -6.34 -11.63 7.52
C5 MYR D . -7.81 -12.01 7.44
C6 MYR D . -8.67 -10.86 7.89
C7 MYR D . -10.10 -11.03 7.42
C8 MYR D . -10.51 -9.91 6.49
C9 MYR D . -11.56 -9.02 7.14
C10 MYR D . -12.34 -8.23 6.11
C11 MYR D . -13.01 -7.04 6.77
C1 MYR E . -10.48 -8.52 12.94
O1 MYR E . -10.19 -9.63 13.45
O2 MYR E . -11.31 -7.74 13.46
C2 MYR E . -9.80 -8.11 11.64
C3 MYR E . -8.47 -7.41 11.96
C4 MYR E . -8.66 -5.97 11.52
C5 MYR E . -8.04 -5.01 12.52
C6 MYR E . -8.90 -3.77 12.70
C7 MYR E . -8.71 -3.18 14.07
C8 MYR E . -8.60 -1.67 14.00
C9 MYR E . -8.61 -1.02 15.38
C10 MYR E . -9.49 0.22 15.40
C11 MYR E . -8.72 1.44 15.87
C1 MYR F . -27.57 4.76 9.12
O1 MYR F . -27.98 5.61 8.32
O2 MYR F . -27.89 3.56 9.06
C2 MYR F . -26.63 5.20 10.24
C3 MYR F . -27.45 5.62 11.46
C4 MYR F . -26.49 6.45 12.28
C5 MYR F . -26.85 6.39 13.74
C6 MYR F . -26.96 7.77 14.34
C7 MYR F . -27.23 7.69 15.84
C8 MYR F . -27.82 8.97 16.36
C9 MYR F . -28.98 8.69 17.31
C10 MYR F . -29.01 9.68 18.45
C11 MYR F . -29.14 8.98 19.79
C12 MYR F . -28.50 9.81 20.90
C13 MYR F . -29.25 9.65 22.22
C14 MYR F . -28.45 8.81 23.20
C1 MYR G . 11.10 -13.26 11.93
O1 MYR G . 12.30 -12.93 11.69
O2 MYR G . 10.65 -13.40 13.09
C2 MYR G . 10.16 -13.51 10.74
C3 MYR G . 9.53 -14.91 10.85
C4 MYR G . 10.11 -15.68 9.67
C5 MYR G . 9.97 -17.18 9.85
C6 MYR G . 11.32 -17.86 9.81
C7 MYR G . 11.67 -18.32 8.42
C8 MYR G . 13.17 -18.27 8.16
C9 MYR G . 13.52 -18.86 6.82
C10 MYR G . 14.76 -18.20 6.23
C11 MYR G . 14.53 -17.75 4.78
C12 MYR G . 15.84 -17.52 4.03
C13 MYR G . 15.92 -18.40 2.78
C14 MYR G . 17.32 -18.44 2.23
C16 OPB H . 10.56 -11.23 -8.54
C17 OPB H . 10.34 -9.90 -8.05
C12 OPB H . 9.05 -9.35 -8.18
C13 OPB H . 7.99 -10.09 -8.80
C14 OPB H . 8.25 -11.38 -9.27
C15 OPB H . 9.52 -11.94 -9.13
C8 OPB H . 10.69 -6.40 -11.36
C9 OPB H . 12.07 -6.05 -11.25
C10 OPB H . 12.67 -6.01 -10.04
C11 OPB H . 11.96 -6.31 -8.87
C6 OPB H . 10.56 -6.66 -8.95
C7 OPB H . 9.97 -6.70 -10.15
C21 OPB H . 8.15 -5.81 -1.32
C20 OPB H . 7.35 -5.40 -2.56
C19 OPB H . 7.97 -6.26 -3.72
C18 OPB H . 7.57 -5.62 -5.06
N2 OPB H . 8.74 -7.99 -7.74
C3 OPB H . 7.80 -7.69 -6.77
C4 OPB H . 8.28 -6.39 -6.17
C5 OPB H . 9.52 -6.00 -6.80
N1 OPB H . 9.82 -6.97 -7.75
O3 OPB H . 6.82 -8.33 -6.51
O5 OPB H . 10.21 -4.99 -6.56
O9 OPB H . 12.76 -5.75 -12.40
C16 OPB I . -24.06 -3.86 14.60
C17 OPB I . -24.63 -4.45 13.40
C12 OPB I . -26.04 -4.41 13.25
C13 OPB I . -26.88 -3.83 14.25
C14 OPB I . -26.29 -3.27 15.39
C15 OPB I . -24.89 -3.28 15.56
C8 OPB I . -25.99 -1.40 9.77
C9 OPB I . -26.95 -0.34 9.90
C10 OPB I . -28.13 -0.59 10.51
C11 OPB I . -28.45 -1.84 11.05
C6 OPB I . -27.49 -2.92 10.93
C7 OPB I . -26.32 -2.68 10.31
C21 OPB I . -32.38 -8.83 11.28
C20 OPB I . -30.98 -9.02 10.69
C19 OPB I . -30.07 -8.00 11.47
C18 OPB I . -28.74 -7.80 10.70
N2 OPB I . -26.66 -4.98 12.08
C3 OPB I . -26.84 -6.34 11.90
C4 OPB I . -28.12 -6.46 11.14
C5 OPB I . -28.66 -5.12 10.90
N1 OPB I . -27.77 -4.22 11.47
O3 OPB I . -26.12 -7.21 12.29
O5 OPB I . -29.71 -4.80 10.31
O9 OPB I . -26.64 0.87 9.39
#